data_6COE
#
_entry.id   6COE
#
_cell.length_a   50.024
_cell.length_b   87.231
_cell.length_c   123.283
_cell.angle_alpha   90.000
_cell.angle_beta   90.000
_cell.angle_gamma   90.000
#
_symmetry.space_group_name_H-M   'P 21 21 21'
#
loop_
_entity.id
_entity.type
_entity.pdbx_description
1 polymer 'Alpha-hydroxynitrile lyase'
2 non-polymer GLYCEROL
3 non-polymer 'CHLORIDE ION'
4 non-polymer benzaldehyde
5 non-polymer '(S)-MANDELIC ACID NITRILE'
6 non-polymer (2R)-hydroxy(phenyl)ethanenitrile
7 water water
#
_entity_poly.entity_id   1
_entity_poly.type   'polypeptide(L)'
_entity_poly.pdbx_seq_one_letter_code
;MERKHHFVLVHNACHGAWIWYKLKPLLESAGHRVTAVELAASGIDPRPIQAVETVDEYSKPLIETLKSLPENEEVILVGF
SFGGINIALAADIFPAKIKVLVFLNAFLPDTTHVPSHVLDKLMEMFGGWGDTEFSSHETRNGTMSLLKMGPKFMKARLYQ
NCPIEDYELAKMLHRQGSLFTEDLSKKEKFSEEGYGSVQRVYVMSSEDKIIPCDFIRWMIDNFNVSKVYEIDGGDHMVML
SKPQKLFDSLSAIATDYMGL
;
_entity_poly.pdbx_strand_id   A,B
#
loop_
_chem_comp.id
_chem_comp.type
_chem_comp.name
_chem_comp.formula
CL non-polymer 'CHLORIDE ION' 'Cl -1'
GOL non-polymer GLYCEROL 'C3 H8 O3'
HBX non-polymer benzaldehyde 'C7 H6 O'
MNN non-polymer '(S)-MANDELIC ACID NITRILE' 'C8 H7 N O'
MXN non-polymer (2R)-hydroxy(phenyl)ethanenitrile 'C8 H7 N O'
#
# COMPACT_ATOMS: atom_id res chain seq x y z
N MET A 1 26.26 8.37 -23.78
CA MET A 1 25.37 7.56 -22.89
C MET A 1 26.31 6.93 -21.82
N GLU A 2 26.40 7.62 -20.67
CA GLU A 2 26.96 7.06 -19.42
C GLU A 2 26.29 5.70 -19.03
N ARG A 3 27.07 4.76 -18.45
CA ARG A 3 26.60 3.38 -18.17
C ARG A 3 25.60 3.43 -17.01
N LYS A 4 24.52 2.69 -17.15
CA LYS A 4 23.44 2.68 -16.07
C LYS A 4 23.63 1.58 -15.08
N HIS A 5 22.90 1.54 -13.96
CA HIS A 5 23.09 0.57 -12.95
C HIS A 5 21.76 -0.11 -12.55
N HIS A 6 21.89 -1.20 -11.84
CA HIS A 6 20.81 -1.89 -11.26
C HIS A 6 20.78 -1.49 -9.80
N PHE A 7 19.74 -0.76 -9.34
CA PHE A 7 19.59 -0.39 -7.90
C PHE A 7 18.59 -1.40 -7.27
N VAL A 8 19.00 -2.00 -6.12
CA VAL A 8 18.14 -2.90 -5.38
C VAL A 8 17.78 -2.10 -4.11
N LEU A 9 16.50 -1.83 -3.93
CA LEU A 9 16.04 -1.01 -2.80
C LEU A 9 15.41 -1.88 -1.71
N VAL A 10 15.78 -1.60 -0.41
CA VAL A 10 15.38 -2.43 0.68
C VAL A 10 14.73 -1.55 1.78
N HIS A 11 13.40 -1.74 1.96
CA HIS A 11 12.65 -0.92 2.85
C HIS A 11 12.99 -1.19 4.33
N ASN A 12 12.39 -0.36 5.12
CA ASN A 12 12.47 -0.36 6.65
C ASN A 12 11.45 -1.32 7.28
N ALA A 13 11.59 -1.56 8.55
CA ALA A 13 10.72 -2.46 9.28
C ALA A 13 9.34 -1.73 9.37
N CYS A 14 8.33 -2.56 9.38
CA CYS A 14 6.92 -2.11 9.51
C CYS A 14 6.36 -1.49 8.19
N HIS A 15 7.20 -1.39 7.13
CA HIS A 15 6.85 -0.82 5.86
C HIS A 15 7.00 -1.89 4.77
N GLY A 16 7.11 -1.52 3.51
CA GLY A 16 7.27 -2.49 2.47
C GLY A 16 7.73 -1.81 1.22
N ALA A 17 7.74 -2.54 0.10
CA ALA A 17 8.26 -1.99 -1.15
C ALA A 17 7.62 -0.68 -1.61
N TRP A 18 6.34 -0.48 -1.25
CA TRP A 18 5.62 0.71 -1.57
C TRP A 18 6.24 2.00 -1.23
N ILE A 19 7.13 2.06 -0.19
CA ILE A 19 7.75 3.32 0.14
C ILE A 19 8.54 3.92 -1.00
N TRP A 20 8.95 3.07 -1.92
CA TRP A 20 9.78 3.47 -3.03
C TRP A 20 9.04 4.01 -4.25
N TYR A 21 7.73 4.23 -4.11
CA TYR A 21 6.93 4.51 -5.22
C TYR A 21 7.28 5.80 -5.99
N LYS A 22 7.86 6.76 -5.31
CA LYS A 22 8.33 7.98 -5.96
C LYS A 22 9.71 7.84 -6.53
N LEU A 23 10.57 7.17 -5.80
CA LEU A 23 11.96 7.03 -6.27
C LEU A 23 12.15 6.16 -7.46
N LYS A 24 11.36 5.08 -7.52
CA LYS A 24 11.55 4.09 -8.57
C LYS A 24 11.43 4.66 -10.00
N PRO A 25 10.38 5.46 -10.22
CA PRO A 25 10.28 5.99 -11.59
C PRO A 25 11.33 7.00 -11.89
N LEU A 26 11.80 7.76 -10.88
CA LEU A 26 12.89 8.66 -11.12
C LEU A 26 14.09 7.92 -11.59
N LEU A 27 14.48 6.84 -10.90
CA LEU A 27 15.71 6.18 -11.28
C LEU A 27 15.46 5.56 -12.65
N GLU A 28 14.27 5.00 -12.91
CA GLU A 28 14.02 4.29 -14.16
C GLU A 28 13.98 5.24 -15.36
N SER A 29 13.57 6.46 -15.12
CA SER A 29 13.58 7.48 -16.16
C SER A 29 14.96 7.91 -16.51
N ALA A 30 15.96 7.80 -15.62
CA ALA A 30 17.34 8.01 -15.94
C ALA A 30 18.00 6.80 -16.59
N GLY A 31 17.30 5.71 -16.83
CA GLY A 31 17.86 4.53 -17.49
C GLY A 31 18.29 3.42 -16.67
N HIS A 32 18.19 3.59 -15.35
CA HIS A 32 18.59 2.57 -14.42
C HIS A 32 17.47 1.57 -14.26
N ARG A 33 17.85 0.41 -13.79
CA ARG A 33 16.94 -0.65 -13.47
C ARG A 33 16.79 -0.59 -11.89
N VAL A 34 15.59 -0.93 -11.43
CA VAL A 34 15.25 -0.90 -10.01
C VAL A 34 14.50 -2.14 -9.67
N THR A 35 14.89 -2.75 -8.56
CA THR A 35 14.20 -3.84 -7.97
C THR A 35 13.87 -3.37 -6.53
N ALA A 36 12.60 -3.19 -6.26
CA ALA A 36 12.16 -2.86 -4.87
C ALA A 36 11.68 -4.18 -4.21
N VAL A 37 12.47 -4.66 -3.29
CA VAL A 37 12.26 -5.94 -2.56
C VAL A 37 11.10 -5.81 -1.58
N GLU A 38 10.31 -6.82 -1.44
CA GLU A 38 9.35 -6.82 -0.38
C GLU A 38 9.80 -7.92 0.57
N LEU A 39 10.26 -7.54 1.75
CA LEU A 39 10.66 -8.50 2.72
C LEU A 39 9.53 -9.28 3.36
N ALA A 40 9.91 -10.33 4.08
CA ALA A 40 8.92 -11.22 4.63
C ALA A 40 8.04 -10.47 5.57
N ALA A 41 6.76 -10.81 5.55
CA ALA A 41 5.73 -10.24 6.46
C ALA A 41 5.71 -8.76 6.38
N SER A 42 6.06 -8.24 5.22
CA SER A 42 6.09 -6.79 4.98
C SER A 42 5.17 -6.41 3.82
N GLY A 43 4.55 -5.25 3.90
CA GLY A 43 3.83 -4.75 2.69
C GLY A 43 2.70 -5.76 2.52
N ILE A 44 2.57 -6.22 1.21
CA ILE A 44 1.55 -7.20 0.92
C ILE A 44 2.03 -8.64 1.03
N ASP A 45 3.27 -8.85 1.48
CA ASP A 45 3.64 -10.24 1.83
C ASP A 45 2.56 -10.90 2.65
N PRO A 46 2.30 -12.16 2.29
CA PRO A 46 1.14 -12.83 2.95
C PRO A 46 1.32 -13.40 4.37
N ARG A 47 2.57 -13.47 4.84
CA ARG A 47 2.88 -13.92 6.22
C ARG A 47 2.69 -12.81 7.29
N PRO A 48 2.19 -13.14 8.50
CA PRO A 48 2.26 -12.28 9.68
C PRO A 48 3.66 -12.27 10.24
N ILE A 49 4.08 -11.20 10.88
CA ILE A 49 5.42 -11.12 11.41
C ILE A 49 5.75 -12.28 12.42
N GLN A 50 4.72 -12.78 13.07
CA GLN A 50 4.85 -13.85 14.00
C GLN A 50 5.33 -15.10 13.35
N ALA A 51 5.05 -15.30 12.09
CA ALA A 51 5.50 -16.47 11.39
C ALA A 51 6.97 -16.39 10.96
N VAL A 52 7.63 -15.22 11.10
CA VAL A 52 8.91 -14.94 10.53
C VAL A 52 9.80 -14.71 11.79
N GLU A 53 10.37 -15.74 12.23
CA GLU A 53 10.99 -15.75 13.59
C GLU A 53 12.40 -15.25 13.68
N THR A 54 13.06 -15.15 12.55
CA THR A 54 14.45 -14.81 12.47
C THR A 54 14.71 -13.78 11.40
N VAL A 55 15.81 -13.04 11.58
CA VAL A 55 16.22 -12.02 10.63
C VAL A 55 16.61 -12.65 9.26
N ASP A 56 17.21 -13.85 9.25
CA ASP A 56 17.43 -14.55 8.01
C ASP A 56 16.16 -14.86 7.23
N GLU A 57 15.13 -15.30 7.92
N GLU A 57 15.13 -15.29 7.93
CA GLU A 57 13.81 -15.55 7.23
CA GLU A 57 13.83 -15.54 7.28
C GLU A 57 13.24 -14.23 6.71
C GLU A 57 13.22 -14.25 6.73
N TYR A 58 13.31 -13.22 7.54
CA TYR A 58 12.86 -11.85 7.17
C TYR A 58 13.55 -11.35 5.92
N SER A 59 14.86 -11.60 5.82
CA SER A 59 15.67 -11.14 4.69
C SER A 59 15.68 -12.03 3.42
N LYS A 60 15.10 -13.17 3.49
CA LYS A 60 15.19 -14.11 2.41
C LYS A 60 14.75 -13.57 1.07
N PRO A 61 13.70 -12.75 0.99
CA PRO A 61 13.43 -12.16 -0.38
C PRO A 61 14.56 -11.40 -0.98
N LEU A 62 15.34 -10.73 -0.20
CA LEU A 62 16.49 -10.02 -0.70
C LEU A 62 17.61 -10.98 -1.09
N ILE A 63 17.86 -11.98 -0.25
CA ILE A 63 18.83 -13.01 -0.71
C ILE A 63 18.35 -13.66 -2.08
N GLU A 64 17.04 -13.98 -2.22
CA GLU A 64 16.56 -14.62 -3.46
C GLU A 64 16.74 -13.68 -4.69
N THR A 65 16.48 -12.38 -4.50
CA THR A 65 16.65 -11.38 -5.51
C THR A 65 18.12 -11.38 -6.02
N LEU A 66 19.04 -11.38 -5.10
CA LEU A 66 20.45 -11.40 -5.48
C LEU A 66 20.87 -12.76 -6.11
N LYS A 67 20.36 -13.85 -5.57
CA LYS A 67 20.69 -15.14 -6.06
C LYS A 67 20.22 -15.24 -7.47
N SER A 68 19.12 -14.64 -7.79
CA SER A 68 18.65 -14.80 -9.13
C SER A 68 19.32 -13.82 -10.18
N LEU A 69 20.24 -12.99 -9.79
CA LEU A 69 20.83 -12.07 -10.83
C LEU A 69 21.71 -12.95 -11.81
N PRO A 70 21.73 -12.62 -13.09
CA PRO A 70 22.64 -13.32 -13.97
C PRO A 70 24.13 -13.21 -13.51
N GLU A 71 24.91 -14.20 -13.92
CA GLU A 71 26.32 -14.33 -13.63
C GLU A 71 27.03 -12.97 -13.87
N ASN A 72 27.83 -12.53 -12.90
CA ASN A 72 28.68 -11.34 -13.04
C ASN A 72 27.95 -9.98 -12.96
N GLU A 73 26.60 -9.96 -12.79
CA GLU A 73 25.99 -8.72 -12.55
C GLU A 73 26.23 -8.31 -11.11
N GLU A 74 26.41 -7.01 -10.93
CA GLU A 74 26.62 -6.38 -9.61
C GLU A 74 25.46 -5.34 -9.47
N VAL A 75 25.03 -5.04 -8.28
CA VAL A 75 24.04 -3.93 -8.07
C VAL A 75 24.51 -2.86 -7.08
N ILE A 76 23.81 -1.73 -7.05
CA ILE A 76 23.91 -0.78 -6.01
C ILE A 76 22.79 -1.15 -5.05
N LEU A 77 23.18 -1.48 -3.81
CA LEU A 77 22.26 -2.06 -2.84
C LEU A 77 21.97 -1.05 -1.74
N VAL A 78 20.71 -0.56 -1.74
CA VAL A 78 20.28 0.51 -0.88
C VAL A 78 19.45 -0.03 0.28
N GLY A 79 19.90 0.21 1.52
CA GLY A 79 19.15 -0.25 2.69
C GLY A 79 18.70 0.92 3.50
N PHE A 80 17.42 0.99 3.84
CA PHE A 80 16.81 2.10 4.52
C PHE A 80 16.47 1.67 5.99
N SER A 81 17.03 2.36 6.96
CA SER A 81 16.70 2.14 8.37
C SER A 81 17.12 0.70 8.75
N PHE A 82 16.25 -0.13 9.24
CA PHE A 82 16.57 -1.53 9.51
C PHE A 82 17.10 -2.22 8.30
N GLY A 83 16.71 -1.73 7.13
CA GLY A 83 17.29 -2.15 5.85
C GLY A 83 18.82 -2.18 5.81
N GLY A 84 19.45 -1.32 6.62
CA GLY A 84 20.95 -1.44 6.78
C GLY A 84 21.36 -2.80 7.28
N ILE A 85 20.66 -3.36 8.23
CA ILE A 85 20.94 -4.74 8.72
C ILE A 85 20.70 -5.78 7.62
N ASN A 86 19.61 -5.64 6.86
CA ASN A 86 19.37 -6.51 5.81
C ASN A 86 20.47 -6.53 4.75
N ILE A 87 20.98 -5.36 4.40
CA ILE A 87 21.95 -5.37 3.26
C ILE A 87 23.34 -5.82 3.77
N ALA A 88 23.60 -5.61 5.07
CA ALA A 88 24.86 -6.17 5.69
C ALA A 88 24.82 -7.66 5.66
N LEU A 89 23.64 -8.24 5.95
CA LEU A 89 23.44 -9.70 5.92
C LEU A 89 23.63 -10.24 4.51
N ALA A 90 23.11 -9.51 3.53
CA ALA A 90 23.23 -9.91 2.12
C ALA A 90 24.69 -9.84 1.66
N ALA A 91 25.31 -8.73 2.04
CA ALA A 91 26.71 -8.52 1.70
C ALA A 91 27.65 -9.60 2.26
N ASP A 92 27.25 -10.21 3.36
CA ASP A 92 28.06 -11.24 3.95
C ASP A 92 27.89 -12.52 3.18
N ILE A 93 26.85 -12.63 2.32
CA ILE A 93 26.57 -13.77 1.52
C ILE A 93 27.07 -13.61 0.16
N PHE A 94 26.77 -12.48 -0.49
CA PHE A 94 27.00 -12.28 -1.88
C PHE A 94 27.83 -10.96 -2.15
N PRO A 95 29.01 -10.80 -1.53
CA PRO A 95 29.82 -9.60 -1.63
C PRO A 95 30.17 -9.29 -3.04
N ALA A 96 30.35 -10.27 -3.87
CA ALA A 96 30.79 -9.94 -5.24
C ALA A 96 29.66 -9.47 -6.18
N LYS A 97 28.46 -9.57 -5.72
CA LYS A 97 27.31 -9.06 -6.46
C LYS A 97 26.96 -7.56 -6.15
N ILE A 98 27.70 -6.95 -5.21
CA ILE A 98 27.35 -5.65 -4.71
C ILE A 98 28.45 -4.67 -5.08
N LYS A 99 28.14 -3.73 -5.91
CA LYS A 99 29.15 -2.69 -6.28
C LYS A 99 29.39 -1.81 -5.11
N VAL A 100 28.29 -1.34 -4.48
CA VAL A 100 28.37 -0.55 -3.28
C VAL A 100 27.10 -0.65 -2.46
N LEU A 101 27.28 -0.67 -1.17
CA LEU A 101 26.13 -0.59 -0.21
C LEU A 101 25.82 0.81 0.12
N VAL A 102 24.53 1.24 0.03
CA VAL A 102 24.13 2.62 0.38
C VAL A 102 23.28 2.54 1.64
N PHE A 103 23.82 2.98 2.75
CA PHE A 103 23.13 2.98 4.06
C PHE A 103 22.37 4.28 4.11
N LEU A 104 21.02 4.25 3.96
CA LEU A 104 20.18 5.42 3.86
C LEU A 104 19.42 5.60 5.18
N ASN A 105 19.74 6.62 5.98
CA ASN A 105 19.11 6.78 7.29
C ASN A 105 19.02 5.40 8.01
N ALA A 106 20.12 4.66 8.02
CA ALA A 106 20.16 3.23 8.26
C ALA A 106 21.08 2.86 9.43
N PHE A 107 20.81 1.67 9.97
CA PHE A 107 21.68 1.05 10.94
C PHE A 107 22.84 0.54 10.19
N LEU A 108 24.04 0.93 10.64
CA LEU A 108 25.28 0.54 10.02
C LEU A 108 26.07 -0.34 11.05
N PRO A 109 25.98 -1.69 10.90
CA PRO A 109 26.55 -2.62 11.83
C PRO A 109 28.03 -2.72 11.54
N ASP A 110 28.76 -3.26 12.49
CA ASP A 110 30.21 -3.42 12.31
C ASP A 110 30.52 -4.91 12.27
N THR A 111 31.84 -5.20 12.23
CA THR A 111 32.37 -6.61 12.27
C THR A 111 33.09 -6.94 13.61
N THR A 112 32.85 -6.13 14.61
CA THR A 112 33.40 -6.31 15.97
C THR A 112 32.44 -6.67 17.04
N HIS A 113 31.31 -6.03 17.12
CA HIS A 113 30.29 -6.37 18.11
C HIS A 113 29.19 -7.31 17.53
N VAL A 114 28.34 -7.82 18.41
CA VAL A 114 27.23 -8.72 18.01
C VAL A 114 26.34 -7.89 17.01
N PRO A 115 25.64 -8.55 16.11
CA PRO A 115 24.95 -7.83 15.05
C PRO A 115 23.89 -6.85 15.54
N SER A 116 23.29 -7.13 16.69
CA SER A 116 22.36 -6.19 17.26
C SER A 116 22.93 -4.89 17.83
N HIS A 117 24.25 -4.72 17.82
CA HIS A 117 24.91 -3.68 18.65
C HIS A 117 24.34 -2.26 18.44
N VAL A 118 24.25 -1.83 17.18
CA VAL A 118 23.85 -0.48 16.87
C VAL A 118 22.37 -0.34 17.17
N LEU A 119 21.57 -1.42 17.08
CA LEU A 119 20.15 -1.35 17.41
C LEU A 119 19.99 -1.24 18.92
N ASP A 120 20.77 -2.04 19.66
CA ASP A 120 20.64 -2.02 21.12
C ASP A 120 21.02 -0.58 21.65
N LYS A 121 22.04 0.02 21.11
CA LYS A 121 22.39 1.40 21.44
C LYS A 121 21.30 2.42 21.21
N LEU A 122 20.68 2.44 19.97
CA LEU A 122 19.62 3.29 19.76
C LEU A 122 18.49 3.00 20.69
N MET A 123 18.18 1.73 20.95
CA MET A 123 17.00 1.48 21.82
C MET A 123 17.18 2.03 23.27
N GLU A 124 18.43 2.04 23.75
CA GLU A 124 18.80 2.64 25.05
C GLU A 124 18.63 4.12 25.02
N MET A 125 18.81 4.75 23.88
CA MET A 125 18.84 6.24 23.81
C MET A 125 17.52 6.80 23.48
N PHE A 126 16.69 6.09 22.74
CA PHE A 126 15.61 6.80 22.12
C PHE A 126 14.47 7.14 23.06
N GLY A 127 13.90 8.35 23.05
CA GLY A 127 12.82 8.68 24.12
C GLY A 127 11.37 8.80 23.65
N GLY A 128 11.19 8.88 22.35
CA GLY A 128 9.93 9.41 21.86
C GLY A 128 9.10 8.37 21.18
N TRP A 129 8.94 7.16 21.78
CA TRP A 129 8.10 6.13 21.15
C TRP A 129 6.59 6.44 21.04
N GLY A 130 6.08 7.30 21.90
CA GLY A 130 4.71 7.85 21.78
C GLY A 130 3.67 6.77 21.85
N ASP A 131 2.80 6.70 20.85
CA ASP A 131 1.76 5.73 20.83
C ASP A 131 2.15 4.40 20.16
N THR A 132 3.47 4.16 19.94
CA THR A 132 3.84 2.84 19.43
C THR A 132 3.47 1.74 20.38
N GLU A 133 3.10 0.59 19.83
CA GLU A 133 2.64 -0.53 20.62
C GLU A 133 3.71 -1.58 20.58
N PHE A 134 4.19 -1.91 21.76
CA PHE A 134 5.19 -3.00 21.85
C PHE A 134 4.55 -4.27 22.36
N SER A 135 4.94 -5.41 21.82
CA SER A 135 4.47 -6.72 22.28
C SER A 135 5.50 -7.77 22.05
N SER A 136 5.18 -8.97 22.56
CA SER A 136 6.06 -10.19 22.55
C SER A 136 5.40 -11.29 21.86
N HIS A 137 6.16 -12.26 21.38
CA HIS A 137 5.54 -13.46 21.00
C HIS A 137 6.53 -14.49 21.28
N GLU A 138 6.13 -15.55 22.03
CA GLU A 138 7.08 -16.59 22.35
C GLU A 138 7.14 -17.56 21.19
N THR A 139 8.38 -17.91 20.87
CA THR A 139 8.69 -18.85 19.81
C THR A 139 9.36 -20.00 20.54
N ARG A 140 9.54 -21.09 19.80
CA ARG A 140 10.18 -22.25 20.38
C ARG A 140 11.69 -21.89 20.66
N ASN A 141 12.26 -20.86 20.03
CA ASN A 141 13.62 -20.42 20.37
C ASN A 141 13.77 -19.18 21.22
N GLY A 142 12.68 -18.70 21.83
CA GLY A 142 12.74 -17.56 22.76
C GLY A 142 11.78 -16.45 22.34
N THR A 143 11.70 -15.47 23.23
CA THR A 143 10.90 -14.33 23.01
C THR A 143 11.31 -13.58 21.73
N MET A 144 10.28 -13.19 20.97
CA MET A 144 10.49 -12.34 19.81
C MET A 144 9.78 -11.03 20.10
N SER A 145 10.53 -9.91 20.08
CA SER A 145 9.91 -8.59 20.38
C SER A 145 9.31 -8.00 19.11
N LEU A 146 8.05 -7.60 19.20
CA LEU A 146 7.30 -7.01 18.04
C LEU A 146 7.00 -5.54 18.30
N LEU A 147 6.81 -4.78 17.23
CA LEU A 147 6.35 -3.43 17.36
C LEU A 147 5.40 -3.02 16.28
N LYS A 148 4.46 -2.15 16.65
CA LYS A 148 3.52 -1.54 15.69
C LYS A 148 3.49 -0.04 15.95
N MET A 149 3.94 0.70 14.96
CA MET A 149 3.96 2.13 15.11
C MET A 149 2.58 2.66 15.45
N GLY A 150 2.54 3.73 16.23
CA GLY A 150 1.30 4.47 16.35
C GLY A 150 1.32 5.71 15.43
N PRO A 151 0.15 6.16 15.06
CA PRO A 151 0.03 7.23 14.11
C PRO A 151 0.65 8.58 14.57
N LYS A 152 0.57 8.88 15.88
CA LYS A 152 1.14 10.12 16.32
C LYS A 152 2.67 10.12 16.27
N PHE A 153 3.21 9.00 16.63
CA PHE A 153 4.63 8.70 16.52
C PHE A 153 5.06 8.81 15.07
N MET A 154 4.29 8.23 14.18
CA MET A 154 4.67 8.31 12.75
C MET A 154 4.78 9.77 12.28
N LYS A 155 3.72 10.50 12.56
CA LYS A 155 3.66 11.91 12.18
C LYS A 155 4.78 12.75 12.75
N ALA A 156 5.10 12.55 14.02
CA ALA A 156 6.05 13.46 14.71
C ALA A 156 7.47 13.06 14.37
N ARG A 157 7.71 11.77 14.23
CA ARG A 157 9.09 11.27 14.17
C ARG A 157 9.59 10.62 12.88
N LEU A 158 8.67 10.25 11.98
CA LEU A 158 9.10 9.70 10.69
C LEU A 158 8.68 10.49 9.46
N TYR A 159 7.46 11.04 9.51
CA TYR A 159 6.78 11.68 8.35
C TYR A 159 6.57 13.19 8.49
N GLN A 160 7.29 13.85 9.41
CA GLN A 160 6.95 15.25 9.67
C GLN A 160 7.22 16.20 8.57
N ASN A 161 8.09 15.88 7.62
CA ASN A 161 8.28 16.68 6.41
C ASN A 161 7.62 16.11 5.17
N CYS A 162 6.79 15.08 5.32
CA CYS A 162 6.14 14.51 4.11
C CYS A 162 4.83 15.17 3.81
N PRO A 163 4.42 15.16 2.55
CA PRO A 163 3.05 15.58 2.18
C PRO A 163 2.04 14.80 2.94
N ILE A 164 0.95 15.47 3.27
CA ILE A 164 -0.04 14.81 4.07
C ILE A 164 -0.54 13.48 3.43
N GLU A 165 -0.61 13.46 2.12
CA GLU A 165 -1.14 12.33 1.38
C GLU A 165 -0.20 11.14 1.72
N ASP A 166 1.14 11.39 1.75
CA ASP A 166 2.04 10.32 2.15
C ASP A 166 1.85 9.70 3.56
N TYR A 167 1.62 10.56 4.52
CA TYR A 167 1.26 10.17 5.84
C TYR A 167 -0.04 9.37 5.80
N GLU A 168 -1.07 9.83 5.04
CA GLU A 168 -2.31 9.00 5.01
C GLU A 168 -2.10 7.61 4.38
N LEU A 169 -1.31 7.56 3.35
CA LEU A 169 -0.87 6.34 2.66
C LEU A 169 -0.24 5.40 3.67
N ALA A 170 0.74 5.91 4.38
CA ALA A 170 1.40 5.13 5.41
C ALA A 170 0.45 4.62 6.46
N LYS A 171 -0.48 5.47 6.93
CA LYS A 171 -1.41 4.92 7.91
C LYS A 171 -2.22 3.72 7.40
N MET A 172 -2.49 3.65 6.10
N MET A 172 -2.52 3.72 6.10
CA MET A 172 -3.26 2.56 5.54
CA MET A 172 -3.25 2.66 5.42
C MET A 172 -2.42 1.33 5.15
C MET A 172 -2.44 1.36 5.23
N LEU A 173 -1.10 1.41 5.32
CA LEU A 173 -0.25 0.31 4.84
C LEU A 173 0.73 -0.19 5.89
N HIS A 174 1.05 0.60 6.89
CA HIS A 174 2.06 0.14 7.86
C HIS A 174 1.49 -1.09 8.62
N ARG A 175 2.44 -1.91 9.08
CA ARG A 175 2.15 -3.13 9.74
C ARG A 175 3.02 -3.39 10.99
N GLN A 176 2.50 -4.24 11.90
CA GLN A 176 3.34 -4.76 12.95
C GLN A 176 4.50 -5.50 12.35
N GLY A 177 5.66 -5.25 12.96
CA GLY A 177 6.93 -5.82 12.54
C GLY A 177 7.81 -6.09 13.73
N SER A 178 9.05 -6.27 13.41
CA SER A 178 10.02 -6.58 14.44
C SER A 178 11.37 -5.97 14.03
N LEU A 179 12.19 -5.61 15.00
CA LEU A 179 13.62 -5.31 14.80
C LEU A 179 14.55 -6.50 15.18
N PHE A 180 13.97 -7.68 15.53
CA PHE A 180 14.70 -8.94 15.62
C PHE A 180 15.90 -8.79 16.64
N THR A 181 15.70 -8.00 17.66
CA THR A 181 16.83 -7.67 18.51
C THR A 181 17.42 -8.93 19.21
N GLU A 182 16.57 -9.80 19.69
CA GLU A 182 16.97 -11.06 20.26
C GLU A 182 17.71 -11.89 19.28
N ASP A 183 17.13 -12.12 18.08
CA ASP A 183 17.76 -12.96 17.11
C ASP A 183 19.14 -12.44 16.71
N LEU A 184 19.23 -11.16 16.57
CA LEU A 184 20.43 -10.55 16.05
C LEU A 184 21.48 -10.57 17.20
N SER A 185 21.02 -10.57 18.45
CA SER A 185 22.03 -10.67 19.67
C SER A 185 22.73 -12.03 19.66
N LYS A 186 22.11 -13.07 19.08
CA LYS A 186 22.64 -14.43 19.10
C LYS A 186 23.36 -14.80 17.82
N LYS A 187 23.39 -13.90 16.83
CA LYS A 187 23.91 -14.28 15.56
C LYS A 187 25.39 -14.10 15.57
N GLU A 188 26.04 -14.83 14.71
CA GLU A 188 27.49 -14.63 14.52
C GLU A 188 27.72 -13.27 14.03
N LYS A 189 28.80 -12.67 14.45
CA LYS A 189 29.21 -11.38 13.96
C LYS A 189 29.31 -11.36 12.45
N PHE A 190 29.07 -10.15 11.91
CA PHE A 190 29.28 -9.92 10.46
C PHE A 190 30.79 -10.06 10.25
N SER A 191 31.15 -10.63 9.11
CA SER A 191 32.56 -10.88 8.69
C SER A 191 33.25 -9.79 7.94
N GLU A 192 34.55 -9.68 8.17
CA GLU A 192 35.38 -8.80 7.36
C GLU A 192 35.54 -9.25 5.95
N GLU A 193 35.56 -10.54 5.68
CA GLU A 193 35.88 -11.02 4.29
C GLU A 193 34.67 -10.86 3.39
N GLY A 194 33.50 -10.79 4.00
CA GLY A 194 32.21 -10.71 3.22
C GLY A 194 31.81 -9.29 3.33
N TYR A 195 30.98 -8.99 4.37
CA TYR A 195 30.42 -7.59 4.50
C TYR A 195 31.52 -6.48 4.54
N GLY A 196 32.61 -6.72 5.30
CA GLY A 196 33.71 -5.75 5.48
C GLY A 196 34.34 -5.32 4.20
N SER A 197 34.25 -6.19 3.21
CA SER A 197 35.01 -6.00 2.04
C SER A 197 34.33 -5.23 1.04
N VAL A 198 33.02 -4.98 1.26
CA VAL A 198 32.23 -4.38 0.21
C VAL A 198 32.32 -2.88 0.36
N GLN A 199 32.39 -2.14 -0.73
CA GLN A 199 32.33 -0.70 -0.60
C GLN A 199 30.97 -0.24 0.03
N ARG A 200 31.05 0.80 0.82
CA ARG A 200 29.89 1.36 1.49
C ARG A 200 29.91 2.91 1.60
N VAL A 201 28.73 3.56 1.50
CA VAL A 201 28.54 4.97 1.68
C VAL A 201 27.30 5.13 2.57
N TYR A 202 27.16 6.30 3.18
CA TYR A 202 26.05 6.61 4.06
C TYR A 202 25.31 7.78 3.47
N VAL A 203 23.99 7.79 3.48
CA VAL A 203 23.24 8.94 3.04
C VAL A 203 22.32 9.29 4.25
N MET A 204 22.45 10.51 4.80
CA MET A 204 21.62 10.90 5.96
C MET A 204 20.74 12.06 5.65
N SER A 205 19.55 12.10 6.24
CA SER A 205 18.63 13.23 6.13
C SER A 205 18.92 14.23 7.28
N SER A 206 18.89 15.52 6.98
CA SER A 206 19.29 16.55 7.98
C SER A 206 18.23 16.63 9.09
N GLU A 207 16.96 16.25 8.82
CA GLU A 207 15.92 16.32 9.86
C GLU A 207 15.28 14.97 10.20
N ASP A 208 16.10 13.95 10.22
CA ASP A 208 15.69 12.63 10.69
C ASP A 208 15.43 12.65 12.16
N LYS A 209 14.18 12.56 12.58
CA LYS A 209 13.92 12.57 14.00
C LYS A 209 13.88 11.26 14.78
N ILE A 210 14.39 10.19 14.13
CA ILE A 210 14.54 8.80 14.60
C ILE A 210 16.05 8.38 14.60
N ILE A 211 16.78 8.66 13.53
CA ILE A 211 18.20 8.35 13.41
C ILE A 211 18.94 9.69 13.48
N PRO A 212 19.22 10.14 14.71
CA PRO A 212 19.87 11.44 14.83
C PRO A 212 21.29 11.49 14.37
N CYS A 213 21.68 12.70 14.04
N CYS A 213 21.71 12.67 13.96
CA CYS A 213 22.95 12.95 13.42
CA CYS A 213 23.07 12.87 13.44
C CYS A 213 24.18 12.56 14.35
C CYS A 213 24.20 12.45 14.37
N ASP A 214 24.07 12.75 15.66
CA ASP A 214 25.09 12.23 16.62
C ASP A 214 25.15 10.73 16.66
N PHE A 215 24.01 10.09 16.52
CA PHE A 215 24.01 8.65 16.52
C PHE A 215 24.64 8.12 15.23
N ILE A 216 24.44 8.82 14.11
CA ILE A 216 25.17 8.46 12.87
C ILE A 216 26.67 8.58 12.96
N ARG A 217 27.20 9.70 13.54
CA ARG A 217 28.66 9.84 13.72
C ARG A 217 29.15 8.71 14.55
N TRP A 218 28.40 8.46 15.65
CA TRP A 218 28.79 7.33 16.50
C TRP A 218 28.89 6.09 15.67
N MET A 219 27.84 5.73 14.85
CA MET A 219 27.99 4.47 14.06
C MET A 219 29.20 4.48 13.07
N ILE A 220 29.34 5.59 12.39
CA ILE A 220 30.43 5.72 11.43
C ILE A 220 31.80 5.70 12.12
N ASP A 221 31.95 6.44 13.22
CA ASP A 221 33.19 6.30 14.06
C ASP A 221 33.56 4.89 14.33
N ASN A 222 32.54 4.09 14.60
CA ASN A 222 32.66 2.72 15.01
C ASN A 222 32.93 1.80 13.79
N PHE A 223 32.53 2.24 12.60
CA PHE A 223 32.66 1.46 11.35
C PHE A 223 32.61 2.42 10.15
N ASN A 224 33.76 2.64 9.52
CA ASN A 224 33.91 3.75 8.59
C ASN A 224 33.17 3.52 7.28
N VAL A 225 32.78 4.63 6.65
CA VAL A 225 32.30 4.61 5.24
C VAL A 225 33.22 5.39 4.28
N SER A 226 33.03 5.20 2.97
CA SER A 226 33.78 5.90 1.96
C SER A 226 33.43 7.32 1.94
N LYS A 227 32.15 7.65 2.09
CA LYS A 227 31.66 8.96 1.83
C LYS A 227 30.31 9.07 2.52
N VAL A 228 29.96 10.29 2.96
CA VAL A 228 28.69 10.60 3.60
C VAL A 228 28.06 11.60 2.70
N TYR A 229 26.77 11.41 2.40
CA TYR A 229 25.97 12.38 1.67
C TYR A 229 24.90 12.86 2.59
N GLU A 230 24.48 14.14 2.49
CA GLU A 230 23.43 14.68 3.32
C GLU A 230 22.25 15.21 2.49
N ILE A 231 21.01 14.92 2.90
CA ILE A 231 19.85 15.38 2.18
C ILE A 231 19.21 16.46 2.99
N ASP A 232 19.29 17.64 2.42
CA ASP A 232 18.91 18.81 3.22
C ASP A 232 17.37 18.87 3.32
N GLY A 233 16.88 18.89 4.52
CA GLY A 233 15.42 19.02 4.71
C GLY A 233 14.64 17.65 4.75
N GLY A 234 15.33 16.50 4.55
CA GLY A 234 14.64 15.17 4.58
C GLY A 234 14.25 14.81 5.99
N ASP A 235 13.04 14.25 6.15
CA ASP A 235 12.67 13.52 7.37
C ASP A 235 13.22 12.08 7.27
N HIS A 236 12.87 11.23 8.21
CA HIS A 236 13.39 9.89 8.17
C HIS A 236 12.91 9.28 6.85
N MET A 237 11.64 9.44 6.51
CA MET A 237 11.04 8.92 5.26
C MET A 237 11.42 9.76 4.02
N VAL A 238 12.73 9.82 3.76
CA VAL A 238 13.25 10.73 2.79
C VAL A 238 12.86 10.44 1.34
N MET A 239 12.57 9.16 1.02
CA MET A 239 12.09 8.78 -0.30
C MET A 239 10.72 9.26 -0.58
N LEU A 240 10.06 9.72 0.47
CA LEU A 240 8.80 10.33 0.39
C LEU A 240 8.87 11.85 0.57
N SER A 241 9.66 12.39 1.53
CA SER A 241 9.67 13.85 1.72
C SER A 241 10.56 14.51 0.67
N LYS A 242 11.66 13.88 0.24
CA LYS A 242 12.64 14.53 -0.65
C LYS A 242 13.13 13.54 -1.73
N PRO A 243 12.17 12.99 -2.49
CA PRO A 243 12.55 11.99 -3.49
C PRO A 243 13.56 12.53 -4.56
N GLN A 244 13.38 13.79 -4.97
CA GLN A 244 14.28 14.30 -6.01
C GLN A 244 15.72 14.39 -5.47
N LYS A 245 15.84 14.88 -4.29
CA LYS A 245 17.17 15.00 -3.69
C LYS A 245 17.82 13.66 -3.42
N LEU A 246 17.02 12.69 -3.04
CA LEU A 246 17.49 11.35 -2.92
C LEU A 246 17.91 10.81 -4.25
N PHE A 247 17.13 11.02 -5.26
CA PHE A 247 17.60 10.65 -6.61
C PHE A 247 19.02 11.25 -6.91
N ASP A 248 19.14 12.53 -6.63
CA ASP A 248 20.39 13.28 -6.84
C ASP A 248 21.55 12.60 -6.10
N SER A 249 21.37 12.22 -4.84
CA SER A 249 22.43 11.58 -4.16
C SER A 249 22.79 10.21 -4.74
N LEU A 250 21.76 9.41 -5.02
CA LEU A 250 21.98 8.10 -5.67
C LEU A 250 22.66 8.18 -7.04
N SER A 251 22.27 9.13 -7.86
CA SER A 251 22.95 9.44 -9.11
C SER A 251 24.41 9.82 -8.97
N ALA A 252 24.74 10.61 -7.94
CA ALA A 252 26.13 10.91 -7.61
C ALA A 252 26.93 9.65 -7.24
N ILE A 253 26.31 8.79 -6.41
CA ILE A 253 26.87 7.53 -6.02
C ILE A 253 27.12 6.70 -7.23
N ALA A 254 26.16 6.58 -8.14
CA ALA A 254 26.31 5.75 -9.32
C ALA A 254 27.55 6.24 -10.18
N THR A 255 27.70 7.56 -10.28
CA THR A 255 28.85 8.19 -10.97
C THR A 255 30.21 7.87 -10.29
N ASP A 256 30.33 7.99 -8.97
CA ASP A 256 31.57 7.55 -8.28
C ASP A 256 31.88 6.06 -8.36
N TYR A 257 30.92 5.17 -8.67
CA TYR A 257 31.20 3.69 -8.98
C TYR A 257 30.87 3.15 -10.40
N MET A 258 30.83 4.06 -11.37
CA MET A 258 30.90 3.72 -12.78
C MET A 258 32.08 2.79 -13.04
N MET B 1 -20.78 28.16 9.08
CA MET B 1 -20.13 26.83 8.84
C MET B 1 -21.24 25.78 8.59
N GLU B 2 -21.47 25.43 7.30
CA GLU B 2 -22.34 24.30 6.86
C GLU B 2 -22.01 22.95 7.64
N ARG B 3 -23.00 22.07 7.84
CA ARG B 3 -22.77 20.79 8.54
C ARG B 3 -21.98 19.84 7.62
N LYS B 4 -21.00 19.16 8.20
CA LYS B 4 -20.12 18.28 7.43
C LYS B 4 -20.60 16.86 7.65
N HIS B 5 -19.97 15.92 6.96
CA HIS B 5 -20.47 14.56 6.91
C HIS B 5 -19.34 13.55 7.15
N HIS B 6 -19.75 12.31 7.38
CA HIS B 6 -18.87 11.15 7.53
C HIS B 6 -18.98 10.36 6.21
N PHE B 7 -17.87 10.34 5.45
CA PHE B 7 -17.81 9.56 4.20
C PHE B 7 -17.20 8.21 4.55
N VAL B 8 -17.83 7.15 4.10
CA VAL B 8 -17.22 5.81 4.16
C VAL B 8 -16.89 5.43 2.70
N LEU B 9 -15.61 5.17 2.49
CA LEU B 9 -15.08 4.88 1.19
C LEU B 9 -14.73 3.40 1.05
N VAL B 10 -15.18 2.81 -0.05
CA VAL B 10 -15.04 1.33 -0.32
C VAL B 10 -14.36 1.14 -1.61
N HIS B 11 -13.14 0.59 -1.51
CA HIS B 11 -12.32 0.26 -2.71
C HIS B 11 -12.87 -0.90 -3.62
N ASN B 12 -12.18 -1.00 -4.74
CA ASN B 12 -12.49 -1.98 -5.80
C ASN B 12 -11.74 -3.28 -5.55
N ALA B 13 -12.07 -4.30 -6.31
CA ALA B 13 -11.42 -5.60 -6.19
C ALA B 13 -9.94 -5.50 -6.56
N CYS B 14 -9.11 -6.32 -5.98
CA CYS B 14 -7.71 -6.35 -6.22
C CYS B 14 -6.90 -5.15 -5.69
N HIS B 15 -7.61 -4.21 -5.02
CA HIS B 15 -7.03 -3.08 -4.42
C HIS B 15 -7.30 -3.07 -2.94
N GLY B 16 -7.23 -1.87 -2.35
CA GLY B 16 -7.38 -1.72 -0.90
C GLY B 16 -7.58 -0.30 -0.51
N ALA B 17 -7.64 -0.08 0.83
CA ALA B 17 -7.97 1.26 1.37
C ALA B 17 -7.00 2.29 0.85
N TRP B 18 -5.73 1.89 0.63
CA TRP B 18 -4.70 2.73 0.05
C TRP B 18 -5.05 3.57 -1.16
N ILE B 19 -5.95 3.12 -2.03
CA ILE B 19 -6.37 3.89 -3.13
C ILE B 19 -6.92 5.25 -2.84
N TRP B 20 -7.36 5.45 -1.59
CA TRP B 20 -7.96 6.67 -1.16
C TRP B 20 -6.98 7.68 -0.51
N TYR B 21 -5.67 7.48 -0.65
CA TYR B 21 -4.72 8.24 0.08
C TYR B 21 -4.65 9.73 -0.32
N LYS B 22 -5.10 10.03 -1.56
CA LYS B 22 -5.15 11.45 -1.98
C LYS B 22 -6.48 12.06 -1.62
N LEU B 23 -7.58 11.34 -1.83
CA LEU B 23 -8.93 11.89 -1.60
C LEU B 23 -9.18 12.09 -0.05
N LYS B 24 -8.71 11.21 0.80
CA LYS B 24 -8.95 11.31 2.23
C LYS B 24 -8.56 12.65 2.84
N PRO B 25 -7.33 13.08 2.66
CA PRO B 25 -6.99 14.39 3.24
C PRO B 25 -7.76 15.57 2.62
N LEU B 26 -8.17 15.52 1.36
CA LEU B 26 -8.94 16.59 0.80
C LEU B 26 -10.25 16.71 1.57
N LEU B 27 -10.91 15.60 1.80
CA LEU B 27 -12.21 15.59 2.47
C LEU B 27 -12.01 16.03 3.89
N GLU B 28 -10.97 15.52 4.53
CA GLU B 28 -10.67 15.94 5.96
C GLU B 28 -10.32 17.38 6.14
N SER B 29 -9.57 17.92 5.21
CA SER B 29 -9.30 19.37 5.22
C SER B 29 -10.54 20.21 5.17
N ALA B 30 -11.58 19.71 4.49
CA ALA B 30 -12.80 20.39 4.29
C ALA B 30 -13.70 20.20 5.49
N GLY B 31 -13.33 19.40 6.51
CA GLY B 31 -14.02 19.31 7.78
C GLY B 31 -14.77 18.04 7.92
N HIS B 32 -14.71 17.20 6.85
CA HIS B 32 -15.44 15.95 6.89
C HIS B 32 -14.69 14.88 7.56
N ARG B 33 -15.40 13.85 7.99
N ARG B 33 -15.40 13.83 7.97
CA ARG B 33 -14.76 12.66 8.51
CA ARG B 33 -14.82 12.64 8.52
C ARG B 33 -14.76 11.58 7.40
C ARG B 33 -14.77 11.58 7.41
N VAL B 34 -13.73 10.75 7.44
CA VAL B 34 -13.53 9.77 6.41
C VAL B 34 -13.11 8.44 7.03
N THR B 35 -13.82 7.36 6.68
CA THR B 35 -13.39 5.98 7.00
C THR B 35 -13.08 5.28 5.70
N ALA B 36 -11.83 4.85 5.48
CA ALA B 36 -11.55 4.07 4.25
C ALA B 36 -11.46 2.58 4.65
N VAL B 37 -12.46 1.81 4.29
CA VAL B 37 -12.63 0.43 4.69
C VAL B 37 -11.57 -0.44 3.99
N GLU B 38 -11.00 -1.43 4.67
CA GLU B 38 -10.12 -2.38 3.98
C GLU B 38 -10.94 -3.69 3.97
N LEU B 39 -11.35 -4.15 2.80
CA LEU B 39 -12.21 -5.31 2.72
C LEU B 39 -11.37 -6.59 2.96
N ALA B 40 -12.02 -7.76 3.05
CA ALA B 40 -11.26 -8.97 3.34
C ALA B 40 -10.35 -9.28 2.23
N ALA B 41 -9.16 -9.77 2.57
CA ALA B 41 -8.22 -10.26 1.56
C ALA B 41 -7.74 -9.16 0.64
N SER B 42 -7.84 -7.94 1.16
CA SER B 42 -7.51 -6.76 0.36
C SER B 42 -6.43 -5.95 1.06
N GLY B 43 -5.65 -5.22 0.25
CA GLY B 43 -4.61 -4.35 0.82
C GLY B 43 -3.75 -5.10 1.79
N ILE B 44 -3.62 -4.65 3.05
CA ILE B 44 -2.83 -5.36 4.01
C ILE B 44 -3.66 -6.32 4.89
N ASP B 45 -4.93 -6.56 4.54
CA ASP B 45 -5.74 -7.59 5.30
C ASP B 45 -4.95 -8.89 5.27
N PRO B 46 -4.93 -9.61 6.39
CA PRO B 46 -3.95 -10.72 6.47
C PRO B 46 -4.42 -12.06 5.78
N ARG B 47 -5.60 -12.10 5.23
CA ARG B 47 -6.09 -13.31 4.65
C ARG B 47 -5.84 -13.30 3.12
N PRO B 48 -5.51 -14.44 2.52
CA PRO B 48 -5.48 -14.59 1.08
C PRO B 48 -6.96 -14.65 0.55
N ILE B 49 -7.18 -14.28 -0.71
CA ILE B 49 -8.49 -14.35 -1.25
C ILE B 49 -9.10 -15.77 -1.21
N GLN B 50 -8.26 -16.79 -1.28
CA GLN B 50 -8.70 -18.21 -1.15
C GLN B 50 -9.41 -18.49 0.15
N ALA B 51 -9.13 -17.67 1.17
CA ALA B 51 -9.84 -17.84 2.47
C ALA B 51 -11.12 -17.12 2.63
N VAL B 52 -11.46 -16.32 1.60
CA VAL B 52 -12.62 -15.47 1.56
C VAL B 52 -13.50 -15.97 0.45
N GLU B 53 -14.39 -16.90 0.80
CA GLU B 53 -15.02 -17.68 -0.24
C GLU B 53 -16.36 -17.14 -0.65
N THR B 54 -16.90 -16.12 0.01
CA THR B 54 -18.16 -15.59 -0.40
C THR B 54 -18.07 -14.09 -0.42
N VAL B 55 -18.98 -13.43 -1.14
CA VAL B 55 -19.04 -11.94 -1.16
C VAL B 55 -19.46 -11.34 0.19
N ASP B 56 -20.26 -12.08 0.96
CA ASP B 56 -20.57 -11.63 2.30
C ASP B 56 -19.33 -11.62 3.21
N GLU B 57 -18.40 -12.58 3.05
N GLU B 57 -18.43 -12.58 3.03
CA GLU B 57 -17.21 -12.52 3.94
CA GLU B 57 -17.23 -12.60 3.84
C GLU B 57 -16.34 -11.43 3.39
C GLU B 57 -16.33 -11.48 3.38
N TYR B 58 -16.28 -11.29 2.08
CA TYR B 58 -15.52 -10.18 1.47
C TYR B 58 -15.90 -8.83 2.05
N SER B 59 -17.23 -8.61 2.14
CA SER B 59 -17.78 -7.37 2.58
C SER B 59 -17.86 -7.14 4.06
N LYS B 60 -17.56 -8.13 4.88
CA LYS B 60 -17.83 -8.03 6.32
C LYS B 60 -17.16 -6.79 7.00
N PRO B 61 -15.88 -6.42 6.67
CA PRO B 61 -15.38 -5.20 7.30
C PRO B 61 -16.29 -3.97 7.07
N LEU B 62 -16.93 -3.87 5.92
CA LEU B 62 -17.79 -2.69 5.70
C LEU B 62 -19.07 -2.79 6.60
N ILE B 63 -19.63 -3.97 6.63
CA ILE B 63 -20.77 -4.20 7.53
C ILE B 63 -20.46 -3.89 8.96
N GLU B 64 -19.31 -4.30 9.41
CA GLU B 64 -18.86 -4.00 10.76
C GLU B 64 -18.59 -2.55 11.00
N THR B 65 -18.09 -1.84 9.97
CA THR B 65 -17.96 -0.41 10.05
C THR B 65 -19.35 0.25 10.27
N LEU B 66 -20.30 -0.14 9.50
CA LEU B 66 -21.68 0.45 9.67
C LEU B 66 -22.30 0.04 11.00
N LYS B 67 -22.09 -1.21 11.39
CA LYS B 67 -22.70 -1.69 12.65
C LYS B 67 -22.15 -0.88 13.85
N SER B 68 -20.92 -0.38 13.76
N SER B 68 -20.90 -0.39 13.75
CA SER B 68 -20.28 0.24 14.89
CA SER B 68 -20.23 0.29 14.85
C SER B 68 -20.67 1.73 15.09
C SER B 68 -20.47 1.80 14.94
N LEU B 69 -21.37 2.31 14.13
CA LEU B 69 -21.62 3.72 14.10
C LEU B 69 -22.55 4.07 15.31
N PRO B 70 -22.40 5.24 15.88
CA PRO B 70 -23.31 5.56 16.99
C PRO B 70 -24.74 5.73 16.43
N GLU B 71 -25.68 5.56 17.36
CA GLU B 71 -27.07 5.64 17.07
C GLU B 71 -27.35 6.93 16.34
N ASN B 72 -28.19 6.82 15.34
CA ASN B 72 -28.64 7.90 14.50
C ASN B 72 -27.66 8.53 13.55
N GLU B 73 -26.41 8.04 13.50
CA GLU B 73 -25.47 8.58 12.55
C GLU B 73 -25.76 7.95 11.17
N GLU B 74 -25.65 8.78 10.17
CA GLU B 74 -25.82 8.37 8.79
C GLU B 74 -24.57 8.82 8.03
N VAL B 75 -24.17 8.02 7.03
CA VAL B 75 -22.89 8.24 6.29
C VAL B 75 -23.18 8.38 4.83
N ILE B 76 -22.28 9.07 4.12
CA ILE B 76 -22.23 9.07 2.67
C ILE B 76 -21.33 7.90 2.28
N LEU B 77 -21.95 6.90 1.71
CA LEU B 77 -21.26 5.63 1.42
C LEU B 77 -20.83 5.57 -0.04
N VAL B 78 -19.52 5.54 -0.29
CA VAL B 78 -19.00 5.60 -1.60
C VAL B 78 -18.40 4.26 -2.01
N GLY B 79 -18.88 3.71 -3.11
CA GLY B 79 -18.40 2.50 -3.61
C GLY B 79 -17.78 2.62 -4.98
N PHE B 80 -16.54 2.10 -5.11
CA PHE B 80 -15.78 2.31 -6.34
C PHE B 80 -15.71 0.94 -7.07
N SER B 81 -16.16 0.90 -8.31
CA SER B 81 -16.11 -0.31 -9.15
C SER B 81 -16.88 -1.49 -8.60
N PHE B 82 -16.19 -2.57 -8.29
CA PHE B 82 -16.83 -3.67 -7.56
C PHE B 82 -17.44 -3.21 -6.18
N GLY B 83 -16.91 -2.14 -5.64
CA GLY B 83 -17.39 -1.48 -4.45
C GLY B 83 -18.85 -1.08 -4.59
N GLY B 84 -19.38 -0.96 -5.80
CA GLY B 84 -20.81 -0.79 -5.91
C GLY B 84 -21.67 -1.95 -5.36
N ILE B 85 -21.21 -3.15 -5.67
CA ILE B 85 -21.74 -4.37 -5.11
C ILE B 85 -21.65 -4.39 -3.63
N ASN B 86 -20.50 -4.07 -3.09
CA ASN B 86 -20.38 -4.09 -1.68
C ASN B 86 -21.35 -3.10 -0.99
N ILE B 87 -21.49 -1.89 -1.48
CA ILE B 87 -22.34 -0.92 -0.81
C ILE B 87 -23.83 -1.27 -1.00
N ALA B 88 -24.19 -1.87 -2.10
CA ALA B 88 -25.56 -2.40 -2.22
C ALA B 88 -25.86 -3.47 -1.11
N LEU B 89 -24.89 -4.33 -0.88
CA LEU B 89 -25.02 -5.33 0.06
C LEU B 89 -25.22 -4.73 1.38
N ALA B 90 -24.45 -3.70 1.68
CA ALA B 90 -24.53 -3.03 3.00
C ALA B 90 -25.84 -2.29 3.14
N ALA B 91 -26.31 -1.68 2.04
CA ALA B 91 -27.60 -0.95 2.18
C ALA B 91 -28.81 -1.86 2.41
N ASP B 92 -28.68 -3.14 2.02
CA ASP B 92 -29.72 -4.14 2.27
C ASP B 92 -29.73 -4.54 3.74
N ILE B 93 -28.66 -4.28 4.48
CA ILE B 93 -28.53 -4.53 5.91
C ILE B 93 -28.76 -3.31 6.79
N PHE B 94 -28.21 -2.14 6.45
CA PHE B 94 -28.28 -1.00 7.28
C PHE B 94 -28.77 0.15 6.48
N PRO B 95 -29.97 0.07 5.86
CA PRO B 95 -30.32 1.17 5.02
C PRO B 95 -30.50 2.52 5.73
N ALA B 96 -30.93 2.48 6.97
CA ALA B 96 -31.17 3.75 7.70
C ALA B 96 -29.81 4.39 8.16
N LYS B 97 -28.68 3.66 8.05
CA LYS B 97 -27.34 4.30 8.32
C LYS B 97 -26.70 5.02 7.16
N ILE B 98 -27.34 5.00 6.03
CA ILE B 98 -26.83 5.60 4.81
C ILE B 98 -27.67 6.77 4.29
N LYS B 99 -27.11 7.97 4.34
CA LYS B 99 -27.71 9.17 3.72
C LYS B 99 -27.87 9.04 2.26
N VAL B 100 -26.78 8.66 1.60
CA VAL B 100 -26.82 8.45 0.14
C VAL B 100 -25.68 7.50 -0.28
N LEU B 101 -25.96 6.63 -1.24
CA LEU B 101 -24.95 5.76 -1.88
C LEU B 101 -24.37 6.53 -3.07
N VAL B 102 -23.03 6.51 -3.17
CA VAL B 102 -22.35 7.12 -4.30
C VAL B 102 -21.71 6.02 -5.09
N PHE B 103 -22.29 5.74 -6.28
CA PHE B 103 -21.74 4.70 -7.16
C PHE B 103 -20.69 5.38 -7.98
N LEU B 104 -19.40 5.18 -7.65
CA LEU B 104 -18.29 5.83 -8.37
C LEU B 104 -17.59 4.91 -9.35
N ASN B 105 -17.76 5.12 -10.65
CA ASN B 105 -17.17 4.23 -11.69
C ASN B 105 -17.55 2.78 -11.36
N ALA B 106 -18.81 2.55 -10.94
CA ALA B 106 -19.19 1.36 -10.22
C ALA B 106 -20.29 0.54 -10.81
N PHE B 107 -20.33 -0.73 -10.43
CA PHE B 107 -21.45 -1.61 -10.75
C PHE B 107 -22.60 -1.21 -9.93
N LEU B 108 -23.72 -0.95 -10.61
CA LEU B 108 -25.02 -0.55 -9.99
C LEU B 108 -26.03 -1.66 -10.21
N PRO B 109 -26.17 -2.49 -9.19
CA PRO B 109 -27.06 -3.63 -9.33
C PRO B 109 -28.55 -3.11 -9.13
N ASP B 110 -29.43 -3.98 -9.46
CA ASP B 110 -30.87 -3.66 -9.42
C ASP B 110 -31.55 -4.56 -8.43
N THR B 111 -32.91 -4.43 -8.30
CA THR B 111 -33.64 -5.38 -7.44
C THR B 111 -34.53 -6.41 -8.20
N THR B 112 -34.35 -6.58 -9.51
CA THR B 112 -35.15 -7.45 -10.36
C THR B 112 -34.38 -8.71 -10.71
N HIS B 113 -33.14 -8.52 -11.12
CA HIS B 113 -32.29 -9.57 -11.54
C HIS B 113 -31.33 -10.11 -10.43
N VAL B 114 -30.70 -11.24 -10.72
CA VAL B 114 -29.72 -11.75 -9.73
C VAL B 114 -28.64 -10.70 -9.45
N PRO B 115 -28.05 -10.71 -8.24
CA PRO B 115 -27.02 -9.69 -7.90
C PRO B 115 -25.87 -9.56 -8.88
N SER B 116 -25.47 -10.62 -9.66
CA SER B 116 -24.34 -10.58 -10.60
C SER B 116 -24.71 -10.00 -11.97
N HIS B 117 -26.01 -9.75 -12.18
CA HIS B 117 -26.50 -9.30 -13.47
C HIS B 117 -25.69 -8.27 -14.25
N VAL B 118 -25.37 -7.14 -13.59
CA VAL B 118 -24.68 -6.10 -14.26
C VAL B 118 -23.21 -6.47 -14.56
N LEU B 119 -22.59 -7.24 -13.68
CA LEU B 119 -21.23 -7.74 -13.97
C LEU B 119 -21.28 -8.71 -15.13
N ASP B 120 -22.28 -9.57 -15.15
CA ASP B 120 -22.39 -10.66 -16.20
C ASP B 120 -22.47 -9.98 -17.54
N LYS B 121 -23.27 -8.91 -17.62
CA LYS B 121 -23.41 -8.12 -18.81
C LYS B 121 -22.14 -7.45 -19.27
N LEU B 122 -21.37 -6.88 -18.37
CA LEU B 122 -20.07 -6.30 -18.83
C LEU B 122 -19.15 -7.41 -19.24
N MET B 123 -19.10 -8.51 -18.46
CA MET B 123 -18.19 -9.66 -18.72
C MET B 123 -18.42 -10.22 -20.11
N GLU B 124 -19.63 -10.20 -20.59
CA GLU B 124 -20.05 -10.62 -21.96
C GLU B 124 -19.36 -9.92 -23.08
N MET B 125 -19.29 -8.61 -22.93
CA MET B 125 -18.81 -7.70 -23.95
C MET B 125 -17.40 -7.14 -23.69
N PHE B 126 -16.76 -7.45 -22.56
CA PHE B 126 -15.55 -6.73 -22.08
C PHE B 126 -14.42 -6.92 -23.05
N GLY B 127 -13.65 -5.86 -23.21
CA GLY B 127 -12.48 -5.93 -24.09
C GLY B 127 -11.54 -7.09 -23.78
N GLY B 128 -10.28 -6.77 -23.81
CA GLY B 128 -9.21 -7.71 -23.63
C GLY B 128 -8.65 -7.50 -22.24
N TRP B 129 -8.36 -8.63 -21.62
CA TRP B 129 -7.91 -8.63 -20.29
C TRP B 129 -6.40 -8.59 -20.30
N GLY B 130 -5.77 -8.60 -21.47
CA GLY B 130 -4.39 -8.30 -21.49
C GLY B 130 -3.58 -9.40 -20.79
N ASP B 131 -2.60 -8.99 -20.00
CA ASP B 131 -1.82 -9.89 -19.17
C ASP B 131 -2.42 -10.33 -17.76
N THR B 132 -3.69 -10.06 -17.58
CA THR B 132 -4.40 -10.50 -16.37
C THR B 132 -4.34 -12.05 -16.26
N GLU B 133 -4.14 -12.55 -15.06
CA GLU B 133 -3.97 -13.97 -14.77
CA GLU B 133 -3.98 -14.00 -14.78
C GLU B 133 -5.28 -14.47 -14.17
N PHE B 134 -5.95 -15.43 -14.79
CA PHE B 134 -7.20 -16.00 -14.19
C PHE B 134 -6.89 -17.41 -13.62
N SER B 135 -7.47 -17.70 -12.46
CA SER B 135 -7.35 -19.00 -11.84
C SER B 135 -8.62 -19.42 -11.19
N SER B 136 -8.74 -20.68 -10.86
CA SER B 136 -10.02 -21.21 -10.25
C SER B 136 -9.68 -21.77 -8.88
N HIS B 137 -10.54 -21.61 -7.91
CA HIS B 137 -10.24 -22.10 -6.64
C HIS B 137 -11.49 -22.90 -6.20
N GLU B 138 -11.27 -24.12 -5.73
N GLU B 138 -11.34 -24.19 -5.84
CA GLU B 138 -12.35 -24.97 -5.40
CA GLU B 138 -12.51 -24.99 -5.53
C GLU B 138 -12.83 -24.69 -3.98
C GLU B 138 -12.85 -24.91 -4.02
N THR B 139 -14.12 -24.67 -3.75
CA THR B 139 -14.63 -24.43 -2.42
C THR B 139 -15.87 -25.27 -2.14
N ARG B 140 -16.26 -25.26 -0.90
CA ARG B 140 -17.55 -25.85 -0.49
C ARG B 140 -18.82 -25.21 -1.10
N ASN B 141 -18.65 -24.08 -1.78
CA ASN B 141 -19.66 -23.47 -2.72
C ASN B 141 -19.48 -23.68 -4.16
N GLY B 142 -18.49 -24.46 -4.49
CA GLY B 142 -18.27 -24.67 -5.88
C GLY B 142 -17.11 -23.80 -6.25
N THR B 143 -16.98 -23.55 -7.53
CA THR B 143 -15.79 -22.93 -8.01
C THR B 143 -15.86 -21.41 -7.85
N MET B 144 -14.73 -20.85 -7.41
CA MET B 144 -14.61 -19.39 -7.22
C MET B 144 -13.62 -18.98 -8.27
N SER B 145 -13.94 -18.03 -9.13
CA SER B 145 -12.97 -17.50 -10.12
C SER B 145 -12.13 -16.41 -9.51
N LEU B 146 -10.82 -16.53 -9.62
CA LEU B 146 -9.88 -15.52 -9.07
C LEU B 146 -9.25 -14.83 -10.23
N LEU B 147 -8.86 -13.56 -10.00
CA LEU B 147 -8.12 -12.79 -11.01
C LEU B 147 -6.99 -12.04 -10.36
N LYS B 148 -5.87 -11.96 -11.05
CA LYS B 148 -4.79 -11.07 -10.64
C LYS B 148 -4.50 -10.16 -11.85
N MET B 149 -4.66 -8.86 -11.69
CA MET B 149 -4.32 -7.96 -12.83
C MET B 149 -2.91 -8.10 -13.34
N GLY B 150 -2.72 -7.97 -14.66
CA GLY B 150 -1.41 -7.79 -15.19
C GLY B 150 -1.03 -6.31 -15.30
N PRO B 151 0.28 -6.02 -15.27
CA PRO B 151 0.72 -4.65 -15.22
C PRO B 151 0.48 -3.98 -16.52
N LYS B 152 0.45 -4.73 -17.63
CA LYS B 152 0.17 -4.00 -18.92
C LYS B 152 -1.34 -3.54 -18.96
N PHE B 153 -2.20 -4.43 -18.60
CA PHE B 153 -3.64 -4.20 -18.48
C PHE B 153 -3.88 -3.11 -17.52
N MET B 154 -3.17 -3.10 -16.38
CA MET B 154 -3.35 -1.97 -15.46
C MET B 154 -3.05 -0.59 -16.10
N LYS B 155 -1.93 -0.57 -16.77
CA LYS B 155 -1.44 0.70 -17.35
C LYS B 155 -2.39 1.20 -18.43
N ALA B 156 -2.83 0.27 -19.20
CA ALA B 156 -3.70 0.67 -20.32
C ALA B 156 -5.14 0.95 -20.03
N ARG B 157 -5.71 0.20 -19.09
CA ARG B 157 -7.17 0.22 -18.91
C ARG B 157 -7.63 0.79 -17.59
N LEU B 158 -6.75 0.88 -16.61
CA LEU B 158 -7.16 1.43 -15.30
C LEU B 158 -6.50 2.76 -14.97
N TYR B 159 -5.17 2.85 -15.20
CA TYR B 159 -4.28 3.91 -14.73
C TYR B 159 -3.75 4.90 -15.83
N GLN B 160 -4.40 4.88 -17.01
CA GLN B 160 -3.77 5.62 -18.14
C GLN B 160 -3.69 7.11 -17.98
N ASN B 161 -4.48 7.74 -17.12
CA ASN B 161 -4.39 9.17 -16.80
C ASN B 161 -3.78 9.45 -15.44
N CYS B 162 -3.22 8.42 -14.76
CA CYS B 162 -2.58 8.58 -13.49
C CYS B 162 -1.13 8.91 -13.62
N PRO B 163 -0.62 9.64 -12.65
CA PRO B 163 0.78 9.85 -12.55
C PRO B 163 1.52 8.57 -12.49
N ILE B 164 2.73 8.51 -13.11
CA ILE B 164 3.46 7.35 -13.12
C ILE B 164 3.76 6.75 -11.70
N GLU B 165 3.93 7.65 -10.71
CA GLU B 165 4.17 7.22 -9.27
C GLU B 165 2.99 6.40 -8.76
N ASP B 166 1.79 6.80 -9.14
CA ASP B 166 0.64 6.04 -8.73
C ASP B 166 0.45 4.66 -9.42
N TYR B 167 0.87 4.53 -10.69
CA TYR B 167 0.93 3.24 -11.33
C TYR B 167 2.07 2.39 -10.64
N GLU B 168 3.18 3.03 -10.23
CA GLU B 168 4.22 2.27 -9.61
C GLU B 168 3.75 1.74 -8.16
N LEU B 169 3.06 2.60 -7.45
CA LEU B 169 2.42 2.25 -6.18
C LEU B 169 1.54 1.08 -6.36
N ALA B 170 0.66 1.19 -7.36
CA ALA B 170 -0.25 0.13 -7.55
C ALA B 170 0.43 -1.16 -7.91
N LYS B 171 1.47 -1.12 -8.75
CA LYS B 171 2.22 -2.36 -9.00
C LYS B 171 2.73 -3.05 -7.73
N MET B 172 3.08 -2.24 -6.74
N MET B 172 3.10 -2.29 -6.71
CA MET B 172 3.64 -2.68 -5.47
CA MET B 172 3.65 -2.89 -5.52
C MET B 172 2.61 -3.28 -4.51
C MET B 172 2.61 -3.21 -4.47
N LEU B 173 1.32 -2.97 -4.77
CA LEU B 173 0.25 -3.23 -3.80
C LEU B 173 -0.95 -4.04 -4.27
N HIS B 174 -1.14 -4.19 -5.59
CA HIS B 174 -2.34 -4.86 -6.06
C HIS B 174 -2.20 -6.36 -5.72
N ARG B 175 -3.32 -7.02 -5.60
CA ARG B 175 -3.38 -8.42 -5.14
C ARG B 175 -4.33 -9.21 -5.96
N GLN B 176 -4.15 -10.55 -5.90
CA GLN B 176 -5.10 -11.43 -6.53
C GLN B 176 -6.36 -11.23 -5.72
N GLY B 177 -7.46 -11.23 -6.42
CA GLY B 177 -8.81 -11.02 -5.79
C GLY B 177 -9.88 -11.79 -6.54
N SER B 178 -11.13 -11.37 -6.39
CA SER B 178 -12.22 -12.00 -7.06
C SER B 178 -13.36 -11.03 -7.26
N LEU B 179 -14.10 -11.19 -8.36
CA LEU B 179 -15.39 -10.56 -8.54
C LEU B 179 -16.62 -11.34 -8.07
N PHE B 180 -16.40 -12.51 -7.51
CA PHE B 180 -17.46 -13.29 -6.88
C PHE B 180 -18.65 -13.50 -7.77
N THR B 181 -18.40 -13.76 -9.02
CA THR B 181 -19.55 -13.74 -9.90
C THR B 181 -20.40 -15.02 -9.71
N GLU B 182 -19.74 -16.14 -9.42
CA GLU B 182 -20.55 -17.37 -9.10
C GLU B 182 -21.45 -17.15 -7.88
N ASP B 183 -20.87 -16.66 -6.77
CA ASP B 183 -21.58 -16.43 -5.51
C ASP B 183 -22.66 -15.45 -5.72
N LEU B 184 -22.33 -14.38 -6.47
CA LEU B 184 -23.34 -13.40 -6.72
C LEU B 184 -24.47 -13.92 -7.60
N SER B 185 -24.17 -14.77 -8.57
CA SER B 185 -25.25 -15.31 -9.41
C SER B 185 -26.20 -16.18 -8.62
N LYS B 186 -25.80 -16.71 -7.48
CA LYS B 186 -26.66 -17.60 -6.62
C LYS B 186 -27.36 -16.92 -5.51
N LYS B 187 -27.08 -15.67 -5.27
CA LYS B 187 -27.52 -14.99 -4.04
C LYS B 187 -28.93 -14.46 -4.26
N GLU B 188 -29.68 -14.34 -3.17
CA GLU B 188 -30.97 -13.58 -3.20
C GLU B 188 -30.88 -12.16 -3.81
N LYS B 189 -31.84 -11.73 -4.62
CA LYS B 189 -31.79 -10.40 -5.28
C LYS B 189 -31.76 -9.38 -4.19
N PHE B 190 -31.26 -8.22 -4.49
CA PHE B 190 -31.24 -7.15 -3.53
C PHE B 190 -32.71 -6.74 -3.39
N SER B 191 -33.08 -6.31 -2.23
CA SER B 191 -34.48 -5.98 -1.89
C SER B 191 -34.84 -4.53 -2.16
N GLU B 192 -36.12 -4.29 -2.51
CA GLU B 192 -36.59 -2.86 -2.61
C GLU B 192 -36.67 -2.21 -1.30
N GLU B 193 -37.07 -2.95 -0.28
CA GLU B 193 -37.28 -2.30 1.03
C GLU B 193 -35.99 -1.90 1.64
N GLY B 194 -34.87 -2.53 1.24
CA GLY B 194 -33.58 -2.26 1.85
C GLY B 194 -32.82 -1.35 0.92
N TYR B 195 -31.94 -1.96 0.12
CA TYR B 195 -31.13 -1.28 -0.82
C TYR B 195 -31.90 -0.27 -1.65
N GLY B 196 -33.02 -0.74 -2.17
CA GLY B 196 -33.88 0.03 -3.07
C GLY B 196 -34.40 1.29 -2.46
N SER B 197 -34.55 1.33 -1.16
CA SER B 197 -35.07 2.48 -0.41
C SER B 197 -34.08 3.57 -0.21
N VAL B 198 -32.75 3.29 -0.39
CA VAL B 198 -31.74 4.27 -0.06
C VAL B 198 -31.49 5.23 -1.27
N GLN B 199 -31.30 6.52 -0.97
CA GLN B 199 -30.91 7.48 -1.98
C GLN B 199 -29.57 7.08 -2.68
N ARG B 200 -29.47 7.24 -4.00
CA ARG B 200 -28.32 6.85 -4.73
C ARG B 200 -27.98 7.82 -5.84
N VAL B 201 -26.70 8.14 -5.98
CA VAL B 201 -26.20 8.89 -7.09
C VAL B 201 -25.06 8.20 -7.78
N TYR B 202 -24.80 8.63 -9.01
CA TYR B 202 -23.73 8.02 -9.82
C TYR B 202 -22.69 9.05 -10.16
N VAL B 203 -21.37 8.75 -10.05
CA VAL B 203 -20.32 9.64 -10.50
C VAL B 203 -19.44 8.82 -11.48
N MET B 204 -19.34 9.29 -12.74
CA MET B 204 -18.65 8.59 -13.84
C MET B 204 -17.50 9.37 -14.32
N SER B 205 -16.48 8.69 -14.80
CA SER B 205 -15.25 9.33 -15.33
C SER B 205 -15.38 9.22 -16.79
N SER B 206 -15.05 10.28 -17.53
CA SER B 206 -15.30 10.31 -19.02
C SER B 206 -14.34 9.43 -19.79
N GLU B 207 -13.20 9.06 -19.19
CA GLU B 207 -12.21 8.25 -19.89
C GLU B 207 -11.93 6.95 -19.09
N ASP B 208 -12.97 6.38 -18.52
CA ASP B 208 -12.94 5.04 -17.90
C ASP B 208 -12.90 3.97 -18.96
N LYS B 209 -11.74 3.27 -19.07
CA LYS B 209 -11.51 2.28 -20.10
C LYS B 209 -11.91 0.89 -19.65
N ILE B 210 -12.51 0.74 -18.46
CA ILE B 210 -13.11 -0.51 -17.94
C ILE B 210 -14.58 -0.43 -17.94
N ILE B 211 -15.10 0.66 -17.43
CA ILE B 211 -16.56 0.86 -17.32
C ILE B 211 -17.01 1.92 -18.28
N PRO B 212 -17.29 1.52 -19.51
CA PRO B 212 -17.58 2.52 -20.54
C PRO B 212 -18.90 3.22 -20.33
N CYS B 213 -18.96 4.41 -20.86
N CYS B 213 -18.97 4.44 -20.84
CA CYS B 213 -20.02 5.29 -20.52
CA CYS B 213 -20.12 5.33 -20.65
C CYS B 213 -21.39 4.82 -21.16
C CYS B 213 -21.44 4.73 -21.12
N ASP B 214 -21.43 4.03 -22.26
CA ASP B 214 -22.67 3.39 -22.72
C ASP B 214 -23.23 2.32 -21.76
N PHE B 215 -22.32 1.56 -21.17
CA PHE B 215 -22.70 0.50 -20.23
C PHE B 215 -23.25 1.18 -18.97
N ILE B 216 -22.66 2.29 -18.57
CA ILE B 216 -23.13 3.04 -17.40
C ILE B 216 -24.54 3.54 -17.69
N ARG B 217 -24.74 4.12 -18.89
CA ARG B 217 -26.11 4.52 -19.21
C ARG B 217 -27.05 3.40 -19.17
N TRP B 218 -26.64 2.24 -19.66
CA TRP B 218 -27.50 1.08 -19.56
C TRP B 218 -27.83 0.68 -18.13
N MET B 219 -26.79 0.66 -17.24
CA MET B 219 -27.12 0.35 -15.83
C MET B 219 -28.08 1.38 -15.22
N ILE B 220 -27.82 2.65 -15.44
CA ILE B 220 -28.67 3.70 -14.83
C ILE B 220 -30.06 3.68 -15.49
N ASP B 221 -30.10 3.44 -16.80
CA ASP B 221 -31.43 3.30 -17.45
C ASP B 221 -32.26 2.19 -16.79
N ASN B 222 -31.59 1.12 -16.36
CA ASN B 222 -32.22 -0.03 -15.75
C ASN B 222 -32.49 0.08 -14.25
N PHE B 223 -31.79 0.99 -13.57
CA PHE B 223 -32.04 1.24 -12.17
C PHE B 223 -31.67 2.69 -11.86
N ASN B 224 -32.69 3.52 -11.75
CA ASN B 224 -32.48 4.95 -11.85
C ASN B 224 -31.72 5.47 -10.67
N VAL B 225 -31.01 6.58 -10.86
CA VAL B 225 -30.38 7.24 -9.75
C VAL B 225 -30.92 8.63 -9.60
N SER B 226 -30.64 9.33 -8.50
CA SER B 226 -31.20 10.68 -8.31
C SER B 226 -30.51 11.73 -9.12
N LYS B 227 -29.16 11.59 -9.29
CA LYS B 227 -28.36 12.57 -10.00
C LYS B 227 -27.12 11.81 -10.56
N VAL B 228 -26.63 12.25 -11.72
CA VAL B 228 -25.41 11.77 -12.33
C VAL B 228 -24.41 12.87 -12.43
N TYR B 229 -23.19 12.63 -11.99
CA TYR B 229 -22.10 13.56 -12.00
C TYR B 229 -21.04 13.02 -12.90
N GLU B 230 -20.34 13.86 -13.63
CA GLU B 230 -19.25 13.36 -14.51
C GLU B 230 -17.94 14.04 -14.16
N ILE B 231 -16.84 13.28 -14.26
CA ILE B 231 -15.56 13.80 -13.98
C ILE B 231 -14.83 13.75 -15.32
N ASP B 232 -14.66 14.92 -15.94
CA ASP B 232 -14.06 15.11 -17.21
C ASP B 232 -12.56 14.71 -17.11
N GLY B 233 -12.16 13.80 -17.91
CA GLY B 233 -10.82 13.37 -18.05
C GLY B 233 -10.39 12.22 -17.12
N GLY B 234 -11.25 11.75 -16.26
CA GLY B 234 -10.86 10.74 -15.24
C GLY B 234 -10.73 9.41 -15.93
N ASP B 235 -9.70 8.68 -15.51
CA ASP B 235 -9.59 7.29 -15.89
C ASP B 235 -10.40 6.49 -14.87
N HIS B 236 -10.32 5.16 -14.92
CA HIS B 236 -11.01 4.31 -13.96
C HIS B 236 -10.60 4.64 -12.54
N MET B 237 -9.31 4.78 -12.30
CA MET B 237 -8.74 5.08 -10.98
C MET B 237 -8.80 6.62 -10.72
N VAL B 238 -10.02 7.16 -10.69
CA VAL B 238 -10.28 8.60 -10.72
C VAL B 238 -9.83 9.28 -9.38
N MET B 239 -9.82 8.49 -8.32
CA MET B 239 -9.33 8.96 -7.07
C MET B 239 -7.82 9.21 -7.13
N LEU B 240 -7.12 8.63 -8.09
CA LEU B 240 -5.68 8.88 -8.24
C LEU B 240 -5.38 9.85 -9.41
N SER B 241 -6.20 9.83 -10.50
CA SER B 241 -5.93 10.67 -11.67
C SER B 241 -6.52 12.05 -11.51
N LYS B 242 -7.67 12.13 -10.85
CA LYS B 242 -8.32 13.44 -10.58
C LYS B 242 -8.89 13.58 -9.20
N PRO B 243 -8.07 13.50 -8.20
CA PRO B 243 -8.64 13.51 -6.89
C PRO B 243 -9.39 14.85 -6.53
N GLN B 244 -8.90 15.97 -7.03
CA GLN B 244 -9.47 17.22 -6.72
C GLN B 244 -10.86 17.31 -7.34
N LYS B 245 -10.99 16.88 -8.60
CA LYS B 245 -12.31 16.85 -9.20
C LYS B 245 -13.25 15.92 -8.54
N LEU B 246 -12.70 14.79 -8.07
CA LEU B 246 -13.52 13.88 -7.31
C LEU B 246 -13.98 14.49 -6.01
N PHE B 247 -13.08 15.16 -5.33
CA PHE B 247 -13.47 15.88 -4.16
C PHE B 247 -14.62 16.91 -4.48
N ASP B 248 -14.51 17.60 -5.63
CA ASP B 248 -15.54 18.61 -6.04
C ASP B 248 -16.87 17.95 -6.21
N SER B 249 -16.88 16.74 -6.79
CA SER B 249 -18.18 16.03 -6.95
C SER B 249 -18.77 15.60 -5.64
N LEU B 250 -17.95 14.99 -4.77
CA LEU B 250 -18.40 14.57 -3.45
C LEU B 250 -18.89 15.73 -2.60
N SER B 251 -18.21 16.87 -2.70
N SER B 251 -18.22 16.86 -2.71
CA SER B 251 -18.65 18.13 -2.05
CA SER B 251 -18.67 18.12 -2.08
C SER B 251 -20.03 18.58 -2.50
C SER B 251 -20.06 18.51 -2.50
N ALA B 252 -20.33 18.45 -3.79
CA ALA B 252 -21.61 18.83 -4.35
C ALA B 252 -22.64 17.91 -3.83
N ILE B 253 -22.29 16.60 -3.81
CA ILE B 253 -23.14 15.59 -3.21
C ILE B 253 -23.49 15.93 -1.75
N ALA B 254 -22.50 16.16 -0.92
CA ALA B 254 -22.69 16.49 0.44
C ALA B 254 -23.63 17.76 0.56
N THR B 255 -23.50 18.75 -0.30
CA THR B 255 -24.40 19.91 -0.26
C THR B 255 -25.83 19.51 -0.48
N ASP B 256 -26.09 18.67 -1.45
CA ASP B 256 -27.41 18.09 -1.57
C ASP B 256 -28.02 17.25 -0.45
N TYR B 257 -27.23 16.68 0.45
CA TYR B 257 -27.76 15.83 1.57
C TYR B 257 -27.40 16.26 2.93
N MET B 258 -27.25 17.56 3.14
CA MET B 258 -27.41 18.05 4.52
C MET B 258 -28.92 18.22 4.71
N GLY B 259 -29.38 17.93 5.94
CA GLY B 259 -30.80 17.86 6.34
C GLY B 259 -31.38 19.14 6.89
C1 GOL C . 14.99 -16.47 17.13
O1 GOL C . 16.44 -16.51 17.28
C2 GOL C . 14.49 -15.65 18.33
O2 GOL C . 14.58 -16.55 19.47
C3 GOL C . 13.09 -15.03 18.15
O3 GOL C . 13.04 -13.83 17.28
C1 GOL D . 3.98 -20.34 17.59
O1 GOL D . 4.85 -19.91 18.67
C2 GOL D . 2.71 -19.47 17.41
O2 GOL D . 1.71 -20.23 16.71
C3 GOL D . 2.12 -18.95 18.75
O3 GOL D . 1.43 -19.92 19.54
C1 GOL E . 3.58 12.96 20.43
O1 GOL E . 2.40 13.39 19.72
C2 GOL E . 4.42 12.01 19.57
O2 GOL E . 3.92 10.66 19.73
C3 GOL E . 5.94 12.12 19.88
O3 GOL E . 6.67 10.92 19.55
CL CL F . 13.31 0.36 10.52
C1' HBX G . 9.30 -2.22 25.84
O1' HBX G . 9.62 -3.31 25.42
C1 HBX G . 10.15 -1.04 25.53
C2 HBX G . 9.69 0.20 26.01
C3 HBX G . 10.41 1.37 25.75
C4 HBX G . 11.60 1.27 25.01
C5 HBX G . 12.07 0.04 24.52
C6 HBX G . 11.33 -1.13 24.78
C1 MNN H . 12.34 2.56 13.72
C2 MNN H . 13.36 1.68 13.46
C3 MNN H . 14.38 1.57 14.39
C4 MNN H . 14.41 2.32 15.54
C5 MNN H . 13.40 3.22 15.79
C6 MNN H . 12.36 3.34 14.87
C7 MNN H . 11.24 2.69 12.74
C8 MNN H . 11.84 2.82 11.40
N9 MNN H . 12.28 2.90 10.34
O10 MNN H . 10.39 1.54 12.82
C1 MXN I . 10.93 2.21 11.96
C2 MXN I . 9.81 1.43 12.17
C3 MXN I . 9.18 1.45 13.39
C4 MXN I . 9.68 2.25 14.39
C5 MXN I . 10.81 3.02 14.20
C6 MXN I . 11.45 3.02 12.96
C7 MXN I . 11.57 2.14 10.64
C8 MXN I . 12.67 1.17 10.71
N9 MXN I . 13.51 0.40 10.77
O10 MXN I . 11.99 3.40 10.16
C1 GOL J . -11.47 -25.99 2.35
O1 GOL J . -11.66 -26.94 1.30
C2 GOL J . -12.29 -24.75 1.94
O2 GOL J . -11.74 -24.15 0.73
C3 GOL J . -13.71 -25.28 1.68
O3 GOL J . -14.47 -24.36 0.99
CL CL K . -13.38 -3.86 -9.21
C1' HBX L . -12.88 -16.30 -16.32
O1' HBX L . -13.65 -15.66 -15.63
C1 HBX L . -12.48 -15.84 -17.67
C2 HBX L . -13.01 -14.66 -18.22
C3 HBX L . -12.62 -14.25 -19.49
C4 HBX L . -11.69 -15.00 -20.22
C5 HBX L . -11.16 -16.17 -19.67
C6 HBX L . -11.55 -16.60 -18.40
C1 MNN M . -12.19 -4.98 -12.86
C2 MNN M . -13.48 -5.03 -12.39
C3 MNN M . -14.49 -5.36 -13.26
C4 MNN M . -14.25 -5.62 -14.58
C5 MNN M . -12.96 -5.54 -15.07
C6 MNN M . -11.93 -5.24 -14.20
C7 MNN M . -11.10 -4.65 -11.93
C8 MNN M . -11.34 -3.32 -11.36
N9 MNN M . -11.55 -2.27 -10.87
O10 MNN M . -11.07 -5.63 -10.88
C1 MXN N . -10.97 -4.21 -11.16
C2 MXN N . -9.87 -4.97 -10.78
C3 MXN N . -9.41 -5.94 -11.63
C4 MXN N . -10.04 -6.13 -12.84
C5 MXN N . -11.15 -5.40 -13.23
C6 MXN N . -11.62 -4.42 -12.37
C7 MXN N . -11.46 -3.19 -10.23
C8 MXN N . -12.76 -3.68 -9.79
N9 MXN N . -13.76 -4.07 -9.46
O10 MXN N . -11.56 -1.88 -10.77
#